data_2FU8
#
_entry.id   2FU8
#
_cell.length_a   105.011
_cell.length_b   105.011
_cell.length_c   196.615
_cell.angle_alpha   90.00
_cell.angle_beta   90.00
_cell.angle_gamma   120.00
#
_symmetry.space_group_name_H-M   'P 62 2 2'
#
loop_
_entity.id
_entity.type
_entity.pdbx_description
1 polymer 'Metallo-beta-lactamase L1'
2 non-polymer 'ZINC ION'
3 non-polymer 'SULFATE ION'
4 non-polymer '1-(3-MERCAPTO-2-METHYL-PROPIONYL)-PYRROLIDINE-2-CARBOXYLIC ACID'
5 non-polymer GLYCEROL
6 water water
#
_entity_poly.entity_id   1
_entity_poly.type   'polypeptide(L)'
_entity_poly.pdbx_seq_one_letter_code
;AEVPLPQLRAYTVDASWLQPMAPLQIADHTWQIGTEDLTALLVQTPDGAVLLDGGMPQMASHLLDNMKARGVTPRDLRLI
LLSHAHADHAGPVAELKRRTGAKVAANAESAVLLARGGSDDLHFGDGITYPPANADRIVMDGEVITVGGIVFTAHFMAGH
TPGSTAWTWTDTRNGKPVRIAYADSLSAPGYQLQGNPRYPHLIEDYRRSFATVRALPCDVLLTPHPGASNWDYAAGARAG
AKALTCKAYADAAEQKFDGQLAKETAGAR
;
_entity_poly.pdbx_strand_id   A,B
#
# COMPACT_ATOMS: atom_id res chain seq x y z
N GLU A 2 -29.38 -9.19 -5.43
CA GLU A 2 -28.40 -8.07 -5.50
C GLU A 2 -26.98 -8.58 -5.64
N VAL A 3 -26.14 -7.78 -6.25
CA VAL A 3 -24.79 -8.14 -6.61
C VAL A 3 -23.86 -7.17 -5.90
N PRO A 4 -23.03 -7.67 -5.01
CA PRO A 4 -22.07 -6.82 -4.32
C PRO A 4 -20.90 -6.47 -5.23
N LEU A 5 -20.14 -5.49 -4.80
CA LEU A 5 -18.89 -5.16 -5.43
C LEU A 5 -17.93 -6.33 -5.31
N PRO A 6 -17.01 -6.50 -6.28
CA PRO A 6 -16.08 -7.62 -6.23
C PRO A 6 -15.12 -7.49 -5.05
N GLN A 7 -14.65 -8.62 -4.56
CA GLN A 7 -13.64 -8.66 -3.55
C GLN A 7 -12.31 -8.16 -4.13
N LEU A 8 -11.46 -7.63 -3.28
CA LEU A 8 -10.09 -7.31 -3.70
C LEU A 8 -9.45 -8.60 -4.22
N ARG A 9 -8.63 -8.47 -5.28
CA ARG A 9 -7.90 -9.60 -5.84
C ARG A 9 -6.43 -9.44 -5.52
N ALA A 10 -5.89 -10.45 -4.85
CA ALA A 10 -4.46 -10.48 -4.55
C ALA A 10 -3.62 -10.63 -5.81
N TYR A 11 -2.41 -10.08 -5.76
CA TYR A 11 -1.46 -10.23 -6.83
C TYR A 11 -0.83 -11.63 -6.69
N THR A 12 -1.35 -12.57 -7.46
CA THR A 12 -0.85 -13.96 -7.47
C THR A 12 0.05 -14.18 -8.66
N VAL A 13 1.03 -15.05 -8.48
CA VAL A 13 2.08 -15.25 -9.46
C VAL A 13 2.35 -16.75 -9.64
N ASP A 14 3.09 -17.10 -10.68
CA ASP A 14 3.56 -18.47 -10.87
C ASP A 14 4.33 -18.96 -9.67
N ALA A 15 4.11 -20.21 -9.29
CA ALA A 15 4.85 -20.84 -8.19
C ALA A 15 6.37 -20.66 -8.25
N SER A 16 6.96 -20.77 -9.44
CA SER A 16 8.42 -20.62 -9.59
C SER A 16 8.93 -19.27 -9.09
N TRP A 17 8.10 -18.23 -9.21
CA TRP A 17 8.46 -16.90 -8.71
C TRP A 17 8.60 -16.86 -7.18
N LEU A 18 7.91 -17.79 -6.53
CA LEU A 18 7.93 -17.89 -5.08
C LEU A 18 8.72 -19.09 -4.54
N GLN A 19 9.49 -19.75 -5.40
CA GLN A 19 10.20 -20.96 -4.99
C GLN A 19 11.59 -20.62 -4.45
N PRO A 20 11.80 -20.79 -3.15
CA PRO A 20 13.09 -20.46 -2.55
C PRO A 20 14.23 -21.25 -3.15
N MET A 21 15.39 -20.62 -3.25
CA MET A 21 16.60 -21.31 -3.69
C MET A 21 17.73 -20.85 -2.77
N ALA A 22 18.73 -21.70 -2.60
CA ALA A 22 19.98 -21.32 -1.92
C ALA A 22 20.74 -20.28 -2.73
N PRO A 23 21.68 -19.58 -2.09
CA PRO A 23 22.49 -18.61 -2.80
C PRO A 23 23.25 -19.22 -3.96
N LEU A 24 23.20 -18.53 -5.10
CA LEU A 24 23.88 -18.93 -6.31
C LEU A 24 24.94 -17.88 -6.65
N GLN A 25 26.20 -18.29 -6.64
CA GLN A 25 27.28 -17.33 -6.89
C GLN A 25 27.41 -16.94 -8.36
N ILE A 26 27.40 -15.64 -8.63
CA ILE A 26 27.56 -15.09 -9.96
C ILE A 26 29.00 -14.66 -10.23
N ALA A 27 29.58 -14.00 -9.26
CA ALA A 27 30.99 -13.62 -9.29
C ALA A 27 31.52 -13.60 -7.86
N ASP A 28 32.77 -13.17 -7.67
CA ASP A 28 33.41 -13.27 -6.36
C ASP A 28 32.66 -12.61 -5.19
N HIS A 29 31.96 -11.49 -5.42
CA HIS A 29 31.22 -10.81 -4.37
C HIS A 29 29.70 -10.78 -4.60
N THR A 30 29.20 -11.36 -5.69
CA THR A 30 27.84 -11.21 -6.16
C THR A 30 27.09 -12.54 -6.22
N TRP A 31 25.98 -12.62 -5.49
CA TRP A 31 25.13 -13.80 -5.40
C TRP A 31 23.66 -13.52 -5.73
N GLN A 32 23.02 -14.48 -6.39
CA GLN A 32 21.57 -14.48 -6.50
C GLN A 32 21.03 -15.13 -5.23
N ILE A 33 20.19 -14.42 -4.49
CA ILE A 33 19.63 -14.98 -3.25
C ILE A 33 18.10 -14.96 -3.18
N GLY A 34 17.46 -14.72 -4.31
CA GLY A 34 16.02 -14.69 -4.41
C GLY A 34 15.39 -16.06 -4.61
N THR A 35 14.40 -16.10 -5.50
CA THR A 35 13.72 -17.34 -5.79
C THR A 35 14.23 -17.83 -7.13
N GLU A 36 13.60 -19.06 -7.61
CA GLU A 36 14.02 -19.55 -8.91
C GLU A 36 13.74 -18.57 -10.04
N ASP A 37 12.66 -17.80 -9.93
CA ASP A 37 12.25 -16.93 -11.04
C ASP A 37 12.14 -15.46 -10.72
N LEU A 38 12.70 -15.01 -9.60
CA LEU A 38 12.83 -13.59 -9.31
C LEU A 38 14.23 -13.30 -8.76
N THR A 39 14.88 -12.34 -9.40
CA THR A 39 16.25 -11.97 -9.01
C THR A 39 16.24 -11.12 -7.77
N ALA A 40 17.20 -11.40 -6.88
CA ALA A 40 17.53 -10.55 -5.74
C ALA A 40 19.01 -10.74 -5.51
N LEU A 41 19.79 -9.72 -5.86
CA LEU A 41 21.24 -9.83 -5.86
C LEU A 41 21.84 -9.29 -4.59
N LEU A 42 22.66 -10.11 -3.96
CA LEU A 42 23.46 -9.71 -2.83
C LEU A 42 24.90 -9.50 -3.26
N VAL A 43 25.43 -8.31 -2.97
CA VAL A 43 26.82 -7.99 -3.20
C VAL A 43 27.45 -7.81 -1.84
N GLN A 44 28.42 -8.68 -1.52
CA GLN A 44 29.05 -8.75 -0.20
C GLN A 44 30.48 -8.21 -0.28
N THR A 45 30.80 -7.25 0.58
CA THR A 45 32.11 -6.61 0.60
C THR A 45 32.68 -6.60 2.00
N PRO A 46 33.98 -6.31 2.13
CA PRO A 46 34.57 -6.13 3.45
C PRO A 46 34.00 -4.95 4.22
N ASP A 47 33.24 -4.07 3.55
CA ASP A 47 32.63 -2.94 4.23
C ASP A 47 31.11 -2.93 4.16
N GLY A 48 30.50 -4.12 4.17
CA GLY A 48 29.06 -4.23 4.20
C GLY A 48 28.49 -4.78 2.92
N ALA A 49 27.16 -4.94 2.91
CA ALA A 49 26.46 -5.61 1.84
C ALA A 49 25.41 -4.72 1.19
N VAL A 50 25.13 -5.03 -0.07
CA VAL A 50 24.17 -4.32 -0.87
C VAL A 50 23.18 -5.36 -1.41
N LEU A 51 21.90 -5.01 -1.43
CA LEU A 51 20.88 -5.83 -2.04
C LEU A 51 20.27 -5.07 -3.21
N LEU A 52 20.29 -5.68 -4.39
CA LEU A 52 19.62 -5.11 -5.55
C LEU A 52 18.37 -5.95 -5.80
N ASP A 53 17.22 -5.31 -5.55
CA ASP A 53 15.88 -5.91 -5.57
C ASP A 53 15.63 -6.93 -4.46
N GLY A 54 14.35 -7.10 -4.12
CA GLY A 54 13.97 -8.08 -3.15
C GLY A 54 12.92 -9.09 -3.58
N GLY A 55 12.32 -8.89 -4.72
CA GLY A 55 11.30 -9.78 -5.21
C GLY A 55 9.93 -9.40 -4.70
N MET A 56 9.17 -10.42 -4.39
CA MET A 56 7.80 -10.29 -3.93
C MET A 56 7.77 -9.94 -2.46
N PRO A 57 6.60 -9.30 -1.94
CA PRO A 57 6.50 -8.94 -0.50
C PRO A 57 6.79 -10.09 0.47
N GLN A 58 6.38 -11.29 0.13
CA GLN A 58 6.50 -12.40 1.09
C GLN A 58 7.90 -13.04 1.11
N MET A 59 8.85 -12.47 0.36
CA MET A 59 10.22 -13.02 0.30
C MET A 59 11.18 -12.45 1.36
N ALA A 60 10.71 -11.53 2.21
CA ALA A 60 11.57 -10.88 3.18
C ALA A 60 12.38 -11.85 4.07
N SER A 61 11.72 -12.80 4.68
CA SER A 61 12.40 -13.72 5.59
C SER A 61 13.36 -14.65 4.83
N HIS A 62 12.99 -15.10 3.64
CA HIS A 62 13.86 -15.94 2.82
C HIS A 62 15.17 -15.17 2.51
N LEU A 63 15.05 -13.92 2.10
CA LEU A 63 16.23 -13.12 1.80
C LEU A 63 17.15 -13.03 3.03
N LEU A 64 16.56 -12.79 4.19
CA LEU A 64 17.33 -12.66 5.42
C LEU A 64 18.01 -13.98 5.79
N ASP A 65 17.35 -15.11 5.54
CA ASP A 65 17.95 -16.42 5.77
C ASP A 65 19.13 -16.68 4.83
N ASN A 66 18.98 -16.30 3.56
CA ASN A 66 20.08 -16.44 2.61
C ASN A 66 21.24 -15.51 2.95
N MET A 67 20.94 -14.29 3.39
CA MET A 67 21.97 -13.38 3.84
C MET A 67 22.76 -14.00 4.99
N LYS A 68 22.05 -14.54 5.97
CA LYS A 68 22.66 -15.15 7.14
C LYS A 68 23.52 -16.34 6.70
N ALA A 69 23.05 -17.12 5.74
CA ALA A 69 23.81 -18.26 5.21
C ALA A 69 25.13 -17.79 4.57
N ARG A 70 25.11 -16.59 4.00
CA ARG A 70 26.30 -15.96 3.42
C ARG A 70 27.23 -15.28 4.43
N GLY A 71 26.77 -15.14 5.67
CA GLY A 71 27.49 -14.45 6.72
C GLY A 71 27.11 -13.00 6.91
N VAL A 72 26.06 -12.55 6.22
CA VAL A 72 25.60 -11.16 6.25
C VAL A 72 24.49 -11.04 7.28
N THR A 73 24.75 -10.28 8.33
CA THR A 73 23.75 -10.04 9.39
C THR A 73 22.88 -8.84 9.00
N PRO A 74 21.74 -8.69 9.66
CA PRO A 74 20.89 -7.51 9.41
C PRO A 74 21.64 -6.16 9.48
N ARG A 75 22.59 -6.06 10.39
CA ARG A 75 23.35 -4.84 10.54
C ARG A 75 24.27 -4.61 9.36
N ASP A 76 24.77 -5.71 8.77
CA ASP A 76 25.72 -5.63 7.66
C ASP A 76 25.09 -5.11 6.36
N LEU A 77 23.77 -5.25 6.22
CA LEU A 77 23.08 -4.77 5.02
C LEU A 77 22.94 -3.23 5.04
N ARG A 78 23.71 -2.57 4.18
CA ARG A 78 23.79 -1.11 4.22
C ARG A 78 22.87 -0.43 3.23
N LEU A 79 22.60 -1.09 2.12
CA LEU A 79 21.98 -0.41 1.00
C LEU A 79 21.10 -1.37 0.19
N ILE A 80 19.95 -0.85 -0.24
CA ILE A 80 19.05 -1.53 -1.17
C ILE A 80 18.94 -0.64 -2.40
N LEU A 81 19.17 -1.21 -3.57
CA LEU A 81 18.97 -0.57 -4.85
C LEU A 81 17.88 -1.32 -5.56
N LEU A 82 17.19 -0.63 -6.48
CA LEU A 82 16.09 -1.23 -7.23
C LEU A 82 16.22 -1.09 -8.72
N SER A 83 15.75 -2.11 -9.43
CA SER A 83 15.58 -2.03 -10.86
C SER A 83 14.38 -1.16 -11.19
N HIS A 84 13.20 -1.59 -10.72
CA HIS A 84 12.03 -0.71 -10.74
C HIS A 84 11.09 -1.03 -9.59
N ALA A 85 10.19 -0.11 -9.24
CA ALA A 85 9.40 -0.25 -8.01
C ALA A 85 8.03 -0.89 -8.24
N HIS A 86 8.02 -2.04 -8.92
CA HIS A 86 6.82 -2.88 -8.96
C HIS A 86 6.83 -3.90 -7.83
N ALA A 87 5.65 -4.41 -7.47
CA ALA A 87 5.47 -5.30 -6.33
C ALA A 87 6.31 -6.56 -6.35
N ASP A 88 6.62 -7.06 -7.54
CA ASP A 88 7.42 -8.28 -7.71
C ASP A 88 8.92 -8.04 -7.72
N HIS A 89 9.36 -6.79 -7.49
CA HIS A 89 10.80 -6.48 -7.32
C HIS A 89 11.12 -5.68 -6.07
N ALA A 90 10.23 -4.76 -5.70
CA ALA A 90 10.39 -3.92 -4.52
C ALA A 90 9.49 -4.38 -3.38
N GLY A 91 8.80 -5.51 -3.56
CA GLY A 91 7.82 -5.98 -2.61
C GLY A 91 8.15 -5.99 -1.14
N PRO A 92 9.30 -6.55 -0.76
CA PRO A 92 9.64 -6.64 0.66
C PRO A 92 10.49 -5.48 1.19
N VAL A 93 10.67 -4.41 0.41
CA VAL A 93 11.59 -3.34 0.80
C VAL A 93 11.22 -2.71 2.15
N ALA A 94 9.95 -2.38 2.33
CA ALA A 94 9.55 -1.78 3.62
C ALA A 94 9.93 -2.66 4.81
N GLU A 95 9.61 -3.95 4.71
CA GLU A 95 9.92 -4.90 5.76
C GLU A 95 11.42 -5.04 5.99
N LEU A 96 12.20 -5.09 4.90
CA LEU A 96 13.65 -5.19 5.01
C LEU A 96 14.24 -3.99 5.72
N LYS A 97 13.70 -2.80 5.45
CA LYS A 97 14.16 -1.60 6.12
C LYS A 97 13.89 -1.69 7.62
N ARG A 98 12.74 -2.25 8.00
CA ARG A 98 12.39 -2.39 9.40
C ARG A 98 13.29 -3.39 10.10
N ARG A 99 13.71 -4.42 9.38
CA ARG A 99 14.39 -5.54 10.00
C ARG A 99 15.92 -5.53 9.83
N THR A 100 16.44 -4.52 9.13
CA THR A 100 17.89 -4.41 8.89
C THR A 100 18.33 -2.97 8.99
N GLY A 101 19.63 -2.75 8.85
CA GLY A 101 20.16 -1.40 8.78
C GLY A 101 20.10 -0.76 7.40
N ALA A 102 19.44 -1.41 6.46
CA ALA A 102 19.51 -1.01 5.06
C ALA A 102 18.82 0.34 4.81
N LYS A 103 19.48 1.18 4.02
CA LYS A 103 18.87 2.36 3.50
C LYS A 103 18.66 2.20 2.01
N VAL A 104 17.64 2.87 1.46
CA VAL A 104 17.30 2.78 0.05
C VAL A 104 17.80 3.99 -0.73
N ALA A 105 18.50 3.72 -1.84
CA ALA A 105 18.87 4.73 -2.83
C ALA A 105 18.14 4.44 -4.12
N ALA A 106 17.41 5.43 -4.63
CA ALA A 106 16.64 5.32 -5.85
C ALA A 106 16.47 6.66 -6.54
N ASN A 107 16.16 6.62 -7.82
CA ASN A 107 15.92 7.90 -8.51
C ASN A 107 14.57 8.46 -8.07
N ALA A 108 14.31 9.70 -8.43
CA ALA A 108 13.09 10.35 -8.00
C ALA A 108 11.81 9.61 -8.44
N GLU A 109 11.75 9.14 -9.67
CA GLU A 109 10.58 8.40 -10.15
C GLU A 109 10.32 7.13 -9.33
N SER A 110 11.36 6.34 -9.12
CA SER A 110 11.25 5.10 -8.33
C SER A 110 10.90 5.39 -6.87
N ALA A 111 11.46 6.45 -6.31
CA ALA A 111 11.17 6.85 -4.93
C ALA A 111 9.70 7.21 -4.78
N VAL A 112 9.15 7.96 -5.72
CA VAL A 112 7.75 8.36 -5.58
C VAL A 112 6.81 7.16 -5.74
N LEU A 113 7.16 6.23 -6.62
CA LEU A 113 6.31 5.05 -6.84
C LEU A 113 6.41 4.13 -5.64
N LEU A 114 7.62 3.95 -5.11
CA LEU A 114 7.85 3.16 -3.92
C LEU A 114 7.09 3.75 -2.71
N ALA A 115 7.11 5.07 -2.59
CA ALA A 115 6.42 5.74 -1.49
C ALA A 115 4.91 5.56 -1.55
N ARG A 116 4.37 5.28 -2.74
CA ARG A 116 2.94 4.99 -2.97
C ARG A 116 2.60 3.50 -2.89
N GLY A 117 3.59 2.67 -2.62
CA GLY A 117 3.39 1.24 -2.59
C GLY A 117 2.95 0.68 -3.92
N GLY A 118 3.40 1.30 -5.01
CA GLY A 118 3.01 0.84 -6.33
C GLY A 118 1.58 1.22 -6.76
N SER A 119 0.86 1.93 -5.91
CA SER A 119 -0.49 2.39 -6.22
C SER A 119 -0.47 3.49 -7.29
N ASP A 120 -1.59 3.68 -7.94
CA ASP A 120 -1.75 4.67 -9.02
C ASP A 120 -0.65 4.50 -10.08
N ASP A 121 -0.33 3.26 -10.38
CA ASP A 121 0.62 2.92 -11.43
C ASP A 121 0.11 3.50 -12.75
N LEU A 122 1.01 3.99 -13.60
CA LEU A 122 0.58 4.58 -14.86
C LEU A 122 -0.27 3.62 -15.70
N HIS A 123 0.03 2.31 -15.62
CA HIS A 123 -0.61 1.31 -16.44
C HIS A 123 -1.50 0.33 -15.67
N PHE A 124 -1.09 -0.04 -14.46
CA PHE A 124 -1.80 -1.05 -13.68
C PHE A 124 -2.81 -0.45 -12.70
N GLY A 125 -2.80 0.87 -12.56
CA GLY A 125 -3.61 1.58 -11.59
C GLY A 125 -3.31 1.08 -10.20
N ASP A 126 -4.49 0.35 -9.35
CA ASP A 126 -4.14 -0.17 -8.03
C ASP A 126 -4.10 -1.67 -8.04
N GLY A 127 -3.87 -2.23 -9.22
CA GLY A 127 -3.96 -3.66 -9.41
C GLY A 127 -2.87 -4.44 -8.73
N ILE A 128 -1.71 -3.81 -8.57
CA ILE A 128 -0.52 -4.49 -8.08
C ILE A 128 0.15 -3.56 -7.09
N THR A 129 -0.29 -3.58 -5.84
CA THR A 129 0.27 -2.75 -4.79
C THR A 129 1.07 -3.58 -3.78
N TYR A 130 1.83 -2.89 -2.94
CA TYR A 130 2.65 -3.54 -1.92
C TYR A 130 2.93 -2.52 -0.81
N PRO A 131 3.52 -2.92 0.32
CA PRO A 131 3.80 -1.96 1.40
C PRO A 131 4.72 -0.80 0.97
N PRO A 132 4.30 0.44 1.19
CA PRO A 132 5.10 1.57 0.77
C PRO A 132 6.37 1.66 1.63
N ALA A 133 7.42 2.31 1.00
CA ALA A 133 8.69 2.53 1.64
C ALA A 133 9.22 3.86 1.20
N ASN A 134 10.08 4.45 2.03
CA ASN A 134 10.68 5.73 1.71
C ASN A 134 12.12 5.52 1.27
N ALA A 135 12.54 6.29 0.27
CA ALA A 135 13.92 6.28 -0.15
C ALA A 135 14.69 7.19 0.81
N ASP A 136 15.92 6.81 1.09
CA ASP A 136 16.80 7.62 1.93
C ASP A 136 17.72 8.53 1.16
N ARG A 137 17.92 8.21 -0.11
CA ARG A 137 18.87 8.94 -0.95
C ARG A 137 18.31 8.90 -2.36
N ILE A 138 18.33 10.04 -3.01
CA ILE A 138 17.87 10.17 -4.39
C ILE A 138 19.09 10.23 -5.29
N VAL A 139 19.10 9.40 -6.34
CA VAL A 139 20.20 9.34 -7.27
C VAL A 139 19.83 9.90 -8.64
N MET A 140 20.82 10.49 -9.30
CA MET A 140 20.69 11.08 -10.60
C MET A 140 21.32 10.14 -11.60
N ASP A 141 20.95 10.33 -12.88
CA ASP A 141 21.43 9.47 -13.91
C ASP A 141 22.96 9.53 -13.97
N GLY A 142 23.58 8.37 -13.99
CA GLY A 142 25.03 8.25 -14.04
C GLY A 142 25.70 8.40 -12.71
N GLU A 143 24.92 8.60 -11.65
CA GLU A 143 25.50 8.76 -10.32
C GLU A 143 26.06 7.42 -9.83
N VAL A 144 27.18 7.49 -9.10
CA VAL A 144 27.84 6.29 -8.61
C VAL A 144 27.67 6.20 -7.10
N ILE A 145 27.54 4.97 -6.60
CA ILE A 145 27.50 4.71 -5.18
C ILE A 145 28.50 3.60 -4.95
N THR A 146 29.41 3.81 -4.00
CA THR A 146 30.48 2.85 -3.70
C THR A 146 30.30 2.24 -2.33
N VAL A 147 30.35 0.91 -2.26
CA VAL A 147 30.31 0.14 -1.01
C VAL A 147 31.44 -0.89 -1.07
N GLY A 148 32.37 -0.79 -0.13
CA GLY A 148 33.48 -1.71 -0.02
C GLY A 148 34.18 -1.95 -1.33
N GLY A 149 34.45 -0.87 -2.06
CA GLY A 149 35.19 -0.98 -3.31
C GLY A 149 34.36 -1.32 -4.52
N ILE A 150 33.14 -1.81 -4.34
CA ILE A 150 32.31 -2.11 -5.49
C ILE A 150 31.58 -0.81 -5.83
N VAL A 151 31.77 -0.37 -7.07
CA VAL A 151 31.24 0.88 -7.56
C VAL A 151 30.03 0.61 -8.43
N PHE A 152 28.86 1.05 -7.96
CA PHE A 152 27.60 0.89 -8.68
C PHE A 152 27.25 2.18 -9.43
N THR A 153 27.01 2.07 -10.73
CA THR A 153 26.62 3.22 -11.55
C THR A 153 25.17 3.04 -12.00
N ALA A 154 24.37 4.08 -11.85
CA ALA A 154 23.00 4.09 -12.32
C ALA A 154 22.91 4.52 -13.77
N HIS A 155 22.17 3.75 -14.56
CA HIS A 155 21.88 4.07 -15.94
C HIS A 155 20.38 4.09 -16.09
N PHE A 156 19.79 5.30 -16.14
CA PHE A 156 18.36 5.39 -16.29
C PHE A 156 17.96 4.81 -17.64
N MET A 157 16.83 3.99 -17.60
CA MET A 157 16.30 3.33 -18.78
C MET A 157 14.77 3.30 -18.68
N ALA A 158 14.23 4.51 -18.59
CA ALA A 158 12.78 4.72 -18.49
C ALA A 158 11.97 4.01 -19.55
N GLY A 159 10.84 3.43 -19.12
CA GLY A 159 9.87 2.87 -20.06
C GLY A 159 8.97 1.90 -19.33
N HIS A 160 9.50 0.76 -18.90
CA HIS A 160 8.70 -0.21 -18.17
C HIS A 160 8.07 0.50 -16.97
N THR A 161 8.88 1.28 -16.28
CA THR A 161 8.38 2.33 -15.39
C THR A 161 9.18 3.60 -15.66
N PRO A 162 8.63 4.78 -15.34
CA PRO A 162 9.42 6.00 -15.49
C PRO A 162 10.81 5.92 -14.86
N GLY A 163 10.90 5.28 -13.71
CA GLY A 163 12.13 5.20 -12.95
C GLY A 163 13.00 3.98 -13.19
N SER A 164 12.69 3.21 -14.22
CA SER A 164 13.47 2.00 -14.50
C SER A 164 14.95 2.35 -14.64
N THR A 165 15.80 1.54 -14.01
CA THR A 165 17.23 1.77 -13.94
C THR A 165 18.00 0.47 -14.23
N ALA A 166 19.13 0.59 -14.93
CA ALA A 166 20.14 -0.47 -14.97
C ALA A 166 21.24 -0.09 -14.00
N TRP A 167 21.74 -1.06 -13.22
CA TRP A 167 22.84 -0.84 -12.33
C TRP A 167 24.03 -1.66 -12.87
N THR A 168 25.19 -1.02 -12.99
CA THR A 168 26.40 -1.74 -13.39
C THR A 168 27.50 -1.66 -12.36
N TRP A 169 28.28 -2.71 -12.26
CA TRP A 169 29.44 -2.71 -11.39
C TRP A 169 30.45 -3.74 -11.88
N THR A 170 31.67 -3.66 -11.36
CA THR A 170 32.72 -4.57 -11.76
C THR A 170 33.10 -5.43 -10.58
N ASP A 171 32.95 -6.73 -10.76
CA ASP A 171 33.36 -7.73 -9.78
C ASP A 171 34.53 -8.46 -10.42
N THR A 172 34.95 -9.56 -9.84
CA THR A 172 36.00 -10.41 -10.39
C THR A 172 35.55 -11.88 -10.39
N ARG A 173 36.19 -12.65 -11.25
CA ARG A 173 36.02 -14.10 -11.29
C ARG A 173 37.30 -14.66 -11.89
N ASN A 174 37.92 -15.61 -11.19
CA ASN A 174 39.21 -16.18 -11.59
C ASN A 174 40.28 -15.14 -11.82
N GLY A 175 40.36 -14.17 -10.93
CA GLY A 175 41.38 -13.15 -10.99
C GLY A 175 41.19 -12.08 -12.07
N LYS A 176 40.09 -12.17 -12.84
CA LYS A 176 39.82 -11.24 -13.92
C LYS A 176 38.55 -10.40 -13.65
N PRO A 177 38.52 -9.16 -14.12
CA PRO A 177 37.31 -8.34 -13.97
C PRO A 177 36.11 -8.90 -14.72
N VAL A 178 34.94 -8.76 -14.13
CA VAL A 178 33.69 -9.14 -14.77
C VAL A 178 32.78 -7.94 -14.62
N ARG A 179 32.45 -7.29 -15.71
CA ARG A 179 31.54 -6.14 -15.72
C ARG A 179 30.12 -6.66 -15.76
N ILE A 180 29.44 -6.59 -14.63
CA ILE A 180 28.06 -7.07 -14.48
C ILE A 180 27.10 -5.95 -14.78
N ALA A 181 26.08 -6.24 -15.58
CA ALA A 181 25.02 -5.30 -15.88
C ALA A 181 23.71 -5.89 -15.44
N TYR A 182 23.09 -5.29 -14.42
CA TYR A 182 21.74 -5.67 -14.00
C TYR A 182 20.77 -4.73 -14.70
N ALA A 183 20.30 -5.15 -15.86
CA ALA A 183 19.46 -4.31 -16.70
C ALA A 183 18.00 -4.57 -16.38
N ASP A 184 17.21 -3.51 -16.29
CA ASP A 184 15.80 -3.63 -15.93
C ASP A 184 14.98 -4.24 -17.06
N SER A 185 13.75 -4.62 -16.75
CA SER A 185 12.74 -4.99 -17.72
C SER A 185 12.59 -3.96 -18.82
N LEU A 186 12.37 -4.46 -20.03
CA LEU A 186 12.12 -3.66 -21.23
C LEU A 186 10.80 -4.08 -21.83
N SER A 187 9.92 -4.73 -21.02
CA SER A 187 8.59 -5.12 -21.49
C SER A 187 7.61 -4.00 -21.26
N ALA A 188 6.45 -4.13 -21.89
CA ALA A 188 5.36 -3.18 -21.76
C ALA A 188 4.05 -3.98 -21.67
N PRO A 189 3.90 -4.77 -20.61
CA PRO A 189 2.80 -5.74 -20.47
C PRO A 189 1.41 -5.12 -20.38
N GLY A 190 0.64 -5.21 -21.47
CA GLY A 190 -0.68 -4.63 -21.56
C GLY A 190 -0.72 -3.10 -21.65
N TYR A 191 0.44 -2.47 -21.87
CA TYR A 191 0.52 -1.02 -21.85
C TYR A 191 -0.09 -0.45 -23.11
N GLN A 192 -0.80 0.65 -22.96
CA GLN A 192 -1.09 1.54 -24.08
C GLN A 192 0.19 2.31 -24.40
N LEU A 193 0.76 2.07 -25.56
CA LEU A 193 2.03 2.66 -25.94
C LEU A 193 1.85 4.01 -26.63
N GLN A 194 0.89 4.09 -27.55
CA GLN A 194 0.71 5.31 -28.36
C GLN A 194 -0.34 6.27 -27.76
N GLY A 195 0.02 7.56 -27.75
CA GLY A 195 -0.89 8.62 -27.28
C GLY A 195 -1.41 8.36 -25.85
N ASN A 196 -0.56 7.82 -24.98
CA ASN A 196 -0.94 7.55 -23.60
C ASN A 196 -0.87 8.87 -22.82
N PRO A 197 -2.01 9.37 -22.34
CA PRO A 197 -1.98 10.69 -21.67
C PRO A 197 -1.12 10.73 -20.40
N ARG A 198 -1.01 9.62 -19.70
CA ARG A 198 -0.18 9.52 -18.51
C ARG A 198 1.28 9.35 -18.80
N TYR A 199 1.65 9.07 -20.06
CA TYR A 199 3.03 8.90 -20.44
C TYR A 199 3.21 9.26 -21.91
N PRO A 200 3.13 10.56 -22.21
CA PRO A 200 3.10 10.99 -23.60
C PRO A 200 4.32 10.62 -24.41
N HIS A 201 5.52 10.58 -23.81
CA HIS A 201 6.73 10.24 -24.56
C HIS A 201 7.21 8.81 -24.31
N LEU A 202 6.30 7.92 -23.96
CA LEU A 202 6.63 6.53 -23.68
C LEU A 202 7.47 5.88 -24.79
N ILE A 203 7.06 6.01 -26.05
CA ILE A 203 7.76 5.32 -27.14
C ILE A 203 9.22 5.86 -27.27
N GLU A 204 9.40 7.17 -27.24
CA GLU A 204 10.76 7.74 -27.32
C GLU A 204 11.65 7.27 -26.15
N ASP A 205 11.07 7.18 -24.96
CA ASP A 205 11.83 6.71 -23.80
C ASP A 205 12.23 5.24 -24.00
N TYR A 206 11.30 4.39 -24.42
CA TYR A 206 11.68 3.01 -24.67
C TYR A 206 12.81 2.93 -25.70
N ARG A 207 12.71 3.68 -26.80
CA ARG A 207 13.77 3.61 -27.83
C ARG A 207 15.15 4.06 -27.32
N ARG A 208 15.16 5.11 -26.52
CA ARG A 208 16.38 5.57 -25.88
C ARG A 208 16.90 4.51 -24.91
N SER A 209 15.99 3.83 -24.22
CA SER A 209 16.36 2.78 -23.27
C SER A 209 16.96 1.55 -23.96
N PHE A 210 16.44 1.20 -25.14
CA PHE A 210 17.06 0.09 -25.89
C PHE A 210 18.53 0.42 -26.19
N ALA A 211 18.78 1.68 -26.57
CA ALA A 211 20.10 2.16 -26.93
C ALA A 211 21.03 2.15 -25.73
N THR A 212 20.50 2.53 -24.58
CA THR A 212 21.25 2.55 -23.34
C THR A 212 21.67 1.14 -22.96
N VAL A 213 20.70 0.24 -22.98
CA VAL A 213 20.98 -1.15 -22.64
C VAL A 213 22.04 -1.75 -23.59
N ARG A 214 21.87 -1.52 -24.88
CA ARG A 214 22.80 -2.06 -25.88
C ARG A 214 24.25 -1.64 -25.60
N ALA A 215 24.44 -0.45 -25.05
CA ALA A 215 25.76 0.12 -24.88
C ALA A 215 26.37 -0.10 -23.48
N LEU A 216 25.66 -0.76 -22.57
CA LEU A 216 26.19 -0.91 -21.20
C LEU A 216 27.47 -1.73 -21.16
N PRO A 217 28.36 -1.45 -20.19
CA PRO A 217 29.52 -2.32 -19.96
C PRO A 217 28.96 -3.64 -19.47
N CYS A 218 29.20 -4.74 -20.19
CA CYS A 218 28.32 -5.90 -20.03
C CYS A 218 28.98 -7.24 -20.33
N ASP A 219 29.92 -7.69 -19.50
CA ASP A 219 30.44 -9.04 -19.61
C ASP A 219 29.37 -10.06 -19.23
N VAL A 220 28.56 -9.73 -18.23
CA VAL A 220 27.48 -10.60 -17.78
C VAL A 220 26.21 -9.75 -17.61
N LEU A 221 25.13 -10.12 -18.28
CA LEU A 221 23.83 -9.47 -18.10
C LEU A 221 23.00 -10.30 -17.15
N LEU A 222 22.34 -9.64 -16.20
CA LEU A 222 21.31 -10.23 -15.33
C LEU A 222 20.05 -9.33 -15.43
N THR A 223 18.86 -9.93 -15.26
CA THR A 223 17.60 -9.19 -15.33
C THR A 223 16.68 -9.54 -14.17
N PRO A 224 15.78 -8.63 -13.80
CA PRO A 224 14.86 -8.89 -12.66
C PRO A 224 14.07 -10.20 -12.81
N HIS A 225 13.55 -10.47 -14.00
CA HIS A 225 13.03 -11.78 -14.38
C HIS A 225 14.17 -12.50 -15.12
N PRO A 226 14.76 -13.53 -14.52
CA PRO A 226 15.93 -14.18 -15.13
C PRO A 226 15.69 -14.69 -16.56
N GLY A 227 14.47 -15.14 -16.84
CA GLY A 227 14.10 -15.63 -18.15
C GLY A 227 14.31 -14.61 -19.25
N ALA A 228 14.14 -13.34 -18.95
CA ALA A 228 14.31 -12.28 -19.92
C ALA A 228 15.74 -12.22 -20.49
N SER A 229 16.73 -12.61 -19.70
CA SER A 229 18.13 -12.65 -20.16
C SER A 229 18.65 -14.09 -20.34
N ASN A 230 17.73 -15.05 -20.32
CA ASN A 230 18.01 -16.47 -20.55
C ASN A 230 18.84 -17.11 -19.46
N TRP A 231 18.69 -16.62 -18.23
CA TRP A 231 19.24 -17.26 -17.07
C TRP A 231 18.29 -18.35 -16.62
N ASP A 232 18.83 -19.40 -16.04
CA ASP A 232 18.06 -20.47 -15.39
C ASP A 232 18.65 -20.74 -14.02
N TYR A 233 18.13 -20.05 -13.01
CA TYR A 233 18.68 -20.14 -11.67
C TYR A 233 18.63 -21.55 -11.07
N ALA A 234 17.74 -22.39 -11.56
CA ALA A 234 17.67 -23.77 -11.10
C ALA A 234 18.69 -24.72 -11.76
N ALA A 235 19.45 -24.23 -12.73
CA ALA A 235 20.39 -25.06 -13.51
C ALA A 235 21.81 -25.15 -12.93
N GLY A 236 21.98 -24.72 -11.68
CA GLY A 236 23.25 -24.87 -10.97
C GLY A 236 24.44 -24.31 -11.71
N ALA A 237 25.40 -25.18 -12.02
CA ALA A 237 26.67 -24.74 -12.58
C ALA A 237 26.53 -24.21 -14.01
N ARG A 238 25.39 -24.41 -14.64
CA ARG A 238 25.13 -23.88 -15.99
C ARG A 238 23.93 -22.94 -15.98
N ALA A 239 23.71 -22.27 -14.72
CA ALA A 239 22.61 -21.30 -14.62
C ALA A 239 22.73 -20.13 -15.63
N GLY A 240 23.94 -19.62 -15.80
CA GLY A 240 24.16 -18.46 -16.65
C GLY A 240 24.74 -18.75 -18.00
N ALA A 241 24.83 -20.05 -18.35
CA ALA A 241 25.52 -20.44 -19.58
C ALA A 241 24.89 -19.82 -20.83
N LYS A 242 23.56 -19.81 -20.89
CA LYS A 242 22.82 -19.37 -22.06
C LYS A 242 22.48 -17.89 -22.05
N ALA A 243 22.98 -17.17 -21.06
CA ALA A 243 22.63 -15.76 -20.87
C ALA A 243 22.91 -14.94 -22.12
N LEU A 244 21.95 -14.06 -22.43
CA LEU A 244 22.09 -13.11 -23.51
C LEU A 244 23.13 -12.07 -23.16
N THR A 245 23.69 -11.47 -24.21
CA THR A 245 24.46 -10.26 -24.06
C THR A 245 23.48 -9.10 -23.88
N CYS A 246 23.93 -7.97 -23.35
CA CYS A 246 23.05 -6.78 -23.28
C CYS A 246 22.55 -6.39 -24.68
N LYS A 247 23.42 -6.58 -25.67
CA LYS A 247 23.10 -6.20 -27.06
C LYS A 247 21.93 -7.02 -27.55
N ALA A 248 21.96 -8.32 -27.28
CA ALA A 248 20.93 -9.24 -27.73
C ALA A 248 19.64 -9.02 -26.94
N TYR A 249 19.77 -8.72 -25.66
CA TYR A 249 18.59 -8.45 -24.84
C TYR A 249 17.86 -7.21 -25.38
N ALA A 250 18.60 -6.16 -25.65
CA ALA A 250 18.04 -4.94 -26.18
C ALA A 250 17.39 -5.15 -27.54
N ASP A 251 18.09 -5.89 -28.41
CA ASP A 251 17.54 -6.21 -29.73
C ASP A 251 16.25 -7.00 -29.66
N ALA A 252 16.22 -8.03 -28.81
CA ALA A 252 14.99 -8.80 -28.65
C ALA A 252 13.83 -7.95 -28.12
N ALA A 253 14.14 -7.08 -27.16
CA ALA A 253 13.16 -6.19 -26.55
C ALA A 253 12.58 -5.23 -27.57
N GLU A 254 13.42 -4.68 -28.43
CA GLU A 254 12.97 -3.74 -29.44
C GLU A 254 12.08 -4.44 -30.48
N GLN A 255 12.48 -5.64 -30.87
CA GLN A 255 11.71 -6.41 -31.84
C GLN A 255 10.33 -6.70 -31.29
N LYS A 256 10.26 -7.12 -30.01
CA LYS A 256 8.99 -7.39 -29.34
C LYS A 256 8.14 -6.10 -29.26
N PHE A 257 8.79 -5.00 -28.91
CA PHE A 257 8.15 -3.68 -28.81
C PHE A 257 7.57 -3.24 -30.15
N ASP A 258 8.34 -3.41 -31.22
CA ASP A 258 7.84 -3.03 -32.55
C ASP A 258 6.63 -3.88 -32.93
N GLY A 259 6.64 -5.15 -32.59
CA GLY A 259 5.49 -6.04 -32.81
C GLY A 259 4.27 -5.63 -32.01
N GLN A 260 4.48 -5.24 -30.75
CA GLN A 260 3.39 -4.80 -29.89
C GLN A 260 2.80 -3.49 -30.44
N LEU A 261 3.63 -2.58 -30.92
CA LEU A 261 3.11 -1.33 -31.49
C LEU A 261 2.19 -1.64 -32.67
N ALA A 262 2.61 -2.56 -33.52
CA ALA A 262 1.81 -2.93 -34.69
C ALA A 262 0.49 -3.58 -34.26
N LYS A 263 0.56 -4.46 -33.27
CA LYS A 263 -0.66 -5.06 -32.70
C LYS A 263 -1.60 -4.02 -32.08
N GLU A 264 -1.04 -3.01 -31.44
CA GLU A 264 -1.85 -1.97 -30.82
C GLU A 264 -2.59 -1.17 -31.88
N THR A 265 -1.88 -0.80 -32.93
CA THR A 265 -2.45 -0.08 -34.05
C THR A 265 -3.55 -0.93 -34.72
N ALA A 266 -3.35 -2.24 -34.78
CA ALA A 266 -4.36 -3.14 -35.35
C ALA A 266 -5.54 -3.38 -34.39
N GLY A 267 -5.35 -3.07 -33.11
CA GLY A 267 -6.37 -3.32 -32.12
C GLY A 267 -7.03 -2.03 -31.71
N GLU B 2 9.20 -29.26 -4.35
CA GLU B 2 9.48 -28.28 -3.28
C GLU B 2 8.22 -27.48 -2.95
N VAL B 3 8.29 -26.67 -1.92
CA VAL B 3 7.13 -25.93 -1.44
C VAL B 3 7.42 -24.46 -1.64
N PRO B 4 6.64 -23.78 -2.46
CA PRO B 4 6.86 -22.33 -2.66
C PRO B 4 6.34 -21.54 -1.49
N LEU B 5 6.79 -20.30 -1.38
CA LEU B 5 6.24 -19.40 -0.38
C LEU B 5 4.77 -19.22 -0.75
N PRO B 6 3.94 -18.85 0.22
CA PRO B 6 2.50 -18.69 -0.03
C PRO B 6 2.21 -17.47 -0.89
N GLN B 7 1.13 -17.56 -1.68
CA GLN B 7 0.62 -16.43 -2.42
C GLN B 7 0.18 -15.37 -1.43
N LEU B 8 0.23 -14.11 -1.84
CA LEU B 8 -0.43 -13.04 -1.08
C LEU B 8 -1.95 -13.31 -0.99
N ARG B 9 -2.53 -12.97 0.15
CA ARG B 9 -3.95 -13.20 0.41
C ARG B 9 -4.64 -11.86 0.45
N ALA B 10 -5.69 -11.72 -0.33
CA ALA B 10 -6.42 -10.46 -0.38
C ALA B 10 -7.29 -10.34 0.85
N TYR B 11 -7.54 -9.11 1.28
CA TYR B 11 -8.43 -8.86 2.39
C TYR B 11 -9.86 -9.01 1.87
N THR B 12 -10.43 -10.20 2.09
CA THR B 12 -11.80 -10.50 1.67
C THR B 12 -12.73 -10.29 2.87
N VAL B 13 -13.95 -9.85 2.57
CA VAL B 13 -14.93 -9.49 3.59
C VAL B 13 -16.33 -10.06 3.26
N ASP B 14 -17.24 -10.03 4.22
CA ASP B 14 -18.60 -10.48 4.00
C ASP B 14 -19.24 -9.70 2.85
N ALA B 15 -20.10 -10.36 2.09
CA ALA B 15 -20.73 -9.74 0.92
C ALA B 15 -21.49 -8.44 1.29
N SER B 16 -22.15 -8.44 2.46
CA SER B 16 -22.92 -7.28 2.89
C SER B 16 -22.05 -6.04 3.03
N TRP B 17 -20.77 -6.23 3.37
CA TRP B 17 -19.86 -5.09 3.49
C TRP B 17 -19.63 -4.39 2.14
N LEU B 18 -19.82 -5.14 1.05
CA LEU B 18 -19.59 -4.67 -0.32
C LEU B 18 -20.90 -4.49 -1.12
N GLN B 19 -22.05 -4.55 -0.44
CA GLN B 19 -23.36 -4.45 -1.07
C GLN B 19 -23.77 -2.99 -1.20
N PRO B 20 -23.75 -2.43 -2.42
CA PRO B 20 -24.13 -1.04 -2.60
C PRO B 20 -25.56 -0.75 -2.14
N MET B 21 -25.75 0.45 -1.63
CA MET B 21 -27.09 0.94 -1.28
C MET B 21 -27.25 2.35 -1.76
N ALA B 22 -28.50 2.73 -1.99
CA ALA B 22 -28.81 4.10 -2.30
C ALA B 22 -28.62 4.97 -1.06
N PRO B 23 -28.49 6.30 -1.23
CA PRO B 23 -28.38 7.19 -0.07
C PRO B 23 -29.55 7.09 0.90
N LEU B 24 -29.21 7.01 2.18
CA LEU B 24 -30.16 6.92 3.28
C LEU B 24 -30.00 8.15 4.16
N GLN B 25 -31.07 8.93 4.29
CA GLN B 25 -31.01 10.18 5.02
C GLN B 25 -31.07 9.94 6.52
N ILE B 26 -30.13 10.55 7.24
CA ILE B 26 -30.04 10.46 8.71
C ILE B 26 -30.58 11.74 9.31
N ALA B 27 -30.19 12.87 8.78
CA ALA B 27 -30.70 14.18 9.20
C ALA B 27 -30.76 15.13 8.01
N ASP B 28 -31.06 16.41 8.24
CA ASP B 28 -31.32 17.31 7.12
C ASP B 28 -30.18 17.40 6.10
N HIS B 29 -28.92 17.36 6.57
CA HIS B 29 -27.72 17.47 5.72
C HIS B 29 -26.84 16.22 5.71
N THR B 30 -27.25 15.17 6.42
CA THR B 30 -26.43 14.00 6.64
C THR B 30 -27.03 12.74 6.07
N TRP B 31 -26.26 12.05 5.23
CA TRP B 31 -26.66 10.84 4.54
C TRP B 31 -25.66 9.70 4.67
N GLN B 32 -26.14 8.47 4.81
CA GLN B 32 -25.30 7.29 4.69
C GLN B 32 -25.22 6.98 3.20
N ILE B 33 -24.01 6.94 2.63
CA ILE B 33 -23.87 6.65 1.18
C ILE B 33 -22.95 5.46 0.84
N GLY B 34 -22.56 4.70 1.85
CA GLY B 34 -21.71 3.56 1.65
C GLY B 34 -22.45 2.31 1.22
N THR B 35 -22.11 1.21 1.87
CA THR B 35 -22.73 -0.05 1.59
C THR B 35 -23.70 -0.41 2.71
N GLU B 36 -24.34 -1.75 2.55
CA GLU B 36 -25.26 -2.11 3.63
C GLU B 36 -24.55 -2.24 4.98
N ASP B 37 -23.30 -2.70 4.99
CA ASP B 37 -22.62 -2.96 6.25
C ASP B 37 -21.32 -2.15 6.46
N LEU B 38 -21.06 -1.14 5.64
CA LEU B 38 -19.99 -0.18 5.95
C LEU B 38 -20.51 1.23 5.81
N THR B 39 -20.29 2.03 6.85
CA THR B 39 -20.72 3.42 6.89
C THR B 39 -19.78 4.31 6.08
N ALA B 40 -20.38 5.27 5.38
CA ALA B 40 -19.68 6.36 4.70
C ALA B 40 -20.68 7.50 4.71
N LEU B 41 -20.41 8.50 5.54
CA LEU B 41 -21.39 9.57 5.79
C LEU B 41 -21.06 10.79 4.96
N LEU B 42 -22.05 11.26 4.20
CA LEU B 42 -21.96 12.52 3.47
C LEU B 42 -22.71 13.61 4.21
N VAL B 43 -22.04 14.74 4.49
CA VAL B 43 -22.67 15.88 5.07
C VAL B 43 -22.59 17.00 4.05
N GLN B 44 -23.75 17.46 3.60
CA GLN B 44 -23.88 18.42 2.50
C GLN B 44 -24.12 19.78 3.07
N THR B 45 -23.18 20.70 2.88
CA THR B 45 -23.31 22.07 3.39
C THR B 45 -23.49 23.02 2.22
N PRO B 46 -23.88 24.27 2.51
CA PRO B 46 -23.94 25.31 1.47
C PRO B 46 -22.59 25.57 0.76
N ASP B 47 -21.49 25.26 1.42
CA ASP B 47 -20.16 25.51 0.89
C ASP B 47 -19.37 24.22 0.61
N GLY B 48 -20.01 23.18 0.10
CA GLY B 48 -19.29 21.92 -0.13
C GLY B 48 -19.67 20.80 0.82
N ALA B 49 -19.22 19.61 0.46
CA ALA B 49 -19.60 18.41 1.15
C ALA B 49 -18.41 17.86 1.94
N VAL B 50 -18.75 17.17 3.01
CA VAL B 50 -17.77 16.45 3.84
C VAL B 50 -18.11 14.98 3.75
N LEU B 51 -17.09 14.12 3.67
CA LEU B 51 -17.24 12.67 3.73
C LEU B 51 -16.54 12.15 4.97
N LEU B 52 -17.27 11.41 5.80
CA LEU B 52 -16.68 10.72 6.94
C LEU B 52 -16.62 9.25 6.64
N ASP B 53 -15.42 8.74 6.39
CA ASP B 53 -15.13 7.35 5.96
C ASP B 53 -15.55 7.06 4.53
N GLY B 54 -14.83 6.16 3.89
CA GLY B 54 -15.18 5.70 2.56
C GLY B 54 -15.43 4.21 2.42
N GLY B 55 -15.18 3.44 3.44
CA GLY B 55 -15.32 2.00 3.35
C GLY B 55 -14.10 1.33 2.75
N MET B 56 -14.37 0.33 1.93
CA MET B 56 -13.35 -0.54 1.31
C MET B 56 -12.80 0.12 0.06
N PRO B 57 -11.52 -0.30 -0.40
CA PRO B 57 -10.90 0.36 -1.56
C PRO B 57 -11.78 0.39 -2.80
N GLN B 58 -12.56 -0.66 -3.01
CA GLN B 58 -13.31 -0.79 -4.25
C GLN B 58 -14.62 0.01 -4.25
N MET B 59 -14.90 0.74 -3.17
CA MET B 59 -16.11 1.51 -3.06
C MET B 59 -16.03 2.92 -3.67
N ALA B 60 -14.87 3.32 -4.19
CA ALA B 60 -14.68 4.69 -4.64
C ALA B 60 -15.74 5.17 -5.64
N SER B 61 -15.94 4.40 -6.71
CA SER B 61 -16.88 4.82 -7.76
C SER B 61 -18.32 4.81 -7.27
N HIS B 62 -18.68 3.83 -6.45
CA HIS B 62 -20.02 3.81 -5.80
C HIS B 62 -20.28 5.07 -4.97
N LEU B 63 -19.32 5.47 -4.17
CA LEU B 63 -19.42 6.70 -3.39
C LEU B 63 -19.65 7.92 -4.27
N LEU B 64 -18.89 8.04 -5.35
CA LEU B 64 -19.05 9.17 -6.26
C LEU B 64 -20.41 9.13 -6.98
N ASP B 65 -20.92 7.95 -7.26
CA ASP B 65 -22.26 7.79 -7.86
C ASP B 65 -23.35 8.26 -6.89
N ASN B 66 -23.19 7.93 -5.60
CA ASN B 66 -24.16 8.36 -4.60
C ASN B 66 -24.04 9.84 -4.37
N MET B 67 -22.82 10.35 -4.42
CA MET B 67 -22.64 11.78 -4.26
C MET B 67 -23.35 12.50 -5.40
N LYS B 68 -23.17 11.97 -6.62
CA LYS B 68 -23.81 12.59 -7.77
C LYS B 68 -25.33 12.55 -7.64
N ALA B 69 -25.88 11.43 -7.16
CA ALA B 69 -27.30 11.29 -6.91
C ALA B 69 -27.82 12.32 -5.89
N ARG B 70 -26.94 12.78 -5.00
CA ARG B 70 -27.26 13.79 -3.99
C ARG B 70 -27.00 15.22 -4.47
N GLY B 71 -26.47 15.35 -5.68
CA GLY B 71 -26.19 16.67 -6.25
C GLY B 71 -24.82 17.20 -5.92
N VAL B 72 -23.91 16.33 -5.52
CA VAL B 72 -22.54 16.71 -5.12
C VAL B 72 -21.61 16.17 -6.20
N THR B 73 -21.02 17.09 -6.96
CA THR B 73 -20.06 16.71 -7.99
C THR B 73 -18.71 16.48 -7.32
N PRO B 74 -17.79 15.85 -8.02
CA PRO B 74 -16.42 15.68 -7.48
C PRO B 74 -15.79 16.96 -6.95
N ARG B 75 -15.91 18.09 -7.65
CA ARG B 75 -15.32 19.35 -7.18
C ARG B 75 -15.95 19.79 -5.85
N ASP B 76 -17.18 19.38 -5.59
CA ASP B 76 -17.92 19.83 -4.41
C ASP B 76 -17.43 19.15 -3.12
N LEU B 77 -16.81 17.99 -3.21
CA LEU B 77 -16.30 17.31 -2.02
C LEU B 77 -15.06 18.03 -1.54
N ARG B 78 -15.14 18.62 -0.34
CA ARG B 78 -14.05 19.43 0.16
C ARG B 78 -13.19 18.76 1.20
N LEU B 79 -13.79 17.87 1.98
CA LEU B 79 -13.14 17.33 3.19
C LEU B 79 -13.50 15.88 3.39
N ILE B 80 -12.48 15.07 3.71
CA ILE B 80 -12.64 13.68 4.14
C ILE B 80 -12.13 13.59 5.58
N LEU B 81 -12.97 13.06 6.46
CA LEU B 81 -12.62 12.73 7.84
C LEU B 81 -12.69 11.24 7.98
N LEU B 82 -11.96 10.72 8.99
CA LEU B 82 -11.90 9.29 9.19
C LEU B 82 -12.12 8.89 10.66
N SER B 83 -12.78 7.76 10.85
CA SER B 83 -12.93 7.11 12.14
C SER B 83 -11.58 6.49 12.52
N HIS B 84 -11.15 5.54 11.69
CA HIS B 84 -9.80 4.99 11.80
C HIS B 84 -9.26 4.53 10.46
N ALA B 85 -7.94 4.48 10.36
CA ALA B 85 -7.29 4.21 9.08
C ALA B 85 -7.05 2.74 8.75
N HIS B 86 -8.07 1.91 8.93
CA HIS B 86 -8.04 0.54 8.42
C HIS B 86 -8.60 0.48 7.01
N ALA B 87 -8.25 -0.59 6.27
CA ALA B 87 -8.62 -0.77 4.87
C ALA B 87 -10.13 -0.71 4.60
N ASP B 88 -10.93 -1.09 5.59
CA ASP B 88 -12.38 -1.15 5.40
C ASP B 88 -13.09 0.14 5.77
N HIS B 89 -12.32 1.19 6.10
CA HIS B 89 -12.87 2.51 6.33
C HIS B 89 -12.21 3.62 5.56
N ALA B 90 -10.91 3.51 5.36
CA ALA B 90 -10.11 4.48 4.64
C ALA B 90 -9.68 3.96 3.30
N GLY B 91 -10.15 2.77 2.94
CA GLY B 91 -9.72 2.11 1.73
C GLY B 91 -9.66 2.94 0.47
N PRO B 92 -10.73 3.68 0.12
CA PRO B 92 -10.74 4.43 -1.14
C PRO B 92 -10.22 5.87 -1.03
N VAL B 93 -9.62 6.25 0.09
CA VAL B 93 -9.25 7.64 0.30
C VAL B 93 -8.26 8.18 -0.74
N ALA B 94 -7.21 7.41 -1.07
CA ALA B 94 -6.25 7.88 -2.07
C ALA B 94 -6.94 8.21 -3.39
N GLU B 95 -7.79 7.28 -3.83
CA GLU B 95 -8.49 7.42 -5.09
C GLU B 95 -9.45 8.61 -5.05
N LEU B 96 -10.15 8.78 -3.94
CA LEU B 96 -11.07 9.89 -3.81
C LEU B 96 -10.33 11.23 -3.87
N LYS B 97 -9.14 11.32 -3.26
CA LYS B 97 -8.37 12.55 -3.33
C LYS B 97 -7.98 12.85 -4.79
N ARG B 98 -7.63 11.81 -5.55
CA ARG B 98 -7.24 12.00 -6.94
C ARG B 98 -8.42 12.48 -7.80
N ARG B 99 -9.62 11.99 -7.48
CA ARG B 99 -10.77 12.14 -8.35
C ARG B 99 -11.67 13.32 -7.93
N THR B 100 -11.40 13.90 -6.77
CA THR B 100 -12.20 15.00 -6.23
C THR B 100 -11.33 16.15 -5.76
N GLY B 101 -11.98 17.25 -5.42
CA GLY B 101 -11.29 18.33 -4.74
C GLY B 101 -10.92 18.10 -3.26
N ALA B 102 -11.15 16.90 -2.73
CA ALA B 102 -11.18 16.68 -1.28
C ALA B 102 -9.78 16.62 -0.64
N LYS B 103 -9.70 17.19 0.54
CA LYS B 103 -8.52 17.16 1.36
C LYS B 103 -8.84 16.40 2.64
N VAL B 104 -7.82 15.79 3.24
CA VAL B 104 -8.00 14.89 4.39
C VAL B 104 -7.52 15.58 5.65
N ALA B 105 -8.36 15.53 6.69
CA ALA B 105 -7.96 15.99 8.01
C ALA B 105 -8.00 14.82 8.96
N ALA B 106 -6.90 14.58 9.68
CA ALA B 106 -6.80 13.46 10.60
C ALA B 106 -5.79 13.75 11.68
N ASN B 107 -5.84 13.01 12.78
CA ASN B 107 -4.83 13.13 13.83
C ASN B 107 -3.52 12.48 13.37
N ALA B 108 -2.45 12.76 14.11
CA ALA B 108 -1.12 12.32 13.71
C ALA B 108 -1.09 10.78 13.56
N GLU B 109 -1.63 10.07 14.53
CA GLU B 109 -1.62 8.60 14.46
C GLU B 109 -2.32 8.08 13.20
N SER B 110 -3.51 8.62 12.92
CA SER B 110 -4.25 8.18 11.73
C SER B 110 -3.51 8.57 10.45
N ALA B 111 -2.92 9.77 10.42
CA ALA B 111 -2.14 10.26 9.30
C ALA B 111 -0.96 9.34 8.96
N VAL B 112 -0.26 8.89 9.98
CA VAL B 112 0.90 8.02 9.77
C VAL B 112 0.46 6.64 9.29
N LEU B 113 -0.65 6.13 9.83
CA LEU B 113 -1.14 4.83 9.38
C LEU B 113 -1.66 4.89 7.94
N LEU B 114 -2.37 5.96 7.64
CA LEU B 114 -2.89 6.22 6.30
C LEU B 114 -1.74 6.33 5.28
N ALA B 115 -0.65 7.00 5.68
CA ALA B 115 0.48 7.26 4.79
C ALA B 115 1.21 5.97 4.46
N ARG B 116 1.06 4.95 5.30
CA ARG B 116 1.65 3.65 4.98
C ARG B 116 0.64 2.64 4.51
N GLY B 117 -0.54 3.12 4.15
CA GLY B 117 -1.55 2.26 3.56
C GLY B 117 -1.97 1.12 4.44
N GLY B 118 -1.90 1.35 5.76
CA GLY B 118 -2.31 0.34 6.72
C GLY B 118 -1.29 -0.77 6.94
N SER B 119 -0.13 -0.68 6.30
CA SER B 119 0.94 -1.65 6.48
C SER B 119 1.57 -1.51 7.86
N ASP B 120 2.26 -2.56 8.29
CA ASP B 120 2.90 -2.63 9.62
C ASP B 120 1.91 -2.22 10.72
N ASP B 121 0.69 -2.74 10.62
CA ASP B 121 -0.36 -2.52 11.61
C ASP B 121 0.11 -3.13 12.92
N LEU B 122 -0.21 -2.50 14.04
CA LEU B 122 0.23 -3.00 15.34
C LEU B 122 -0.20 -4.46 15.60
N HIS B 123 -1.32 -4.90 15.05
CA HIS B 123 -1.90 -6.19 15.34
C HIS B 123 -1.97 -7.09 14.11
N PHE B 124 -2.18 -6.51 12.94
CA PHE B 124 -2.41 -7.30 11.73
C PHE B 124 -1.23 -7.33 10.76
N GLY B 125 -0.14 -6.65 11.12
CA GLY B 125 1.06 -6.60 10.30
C GLY B 125 0.75 -6.03 8.94
N ASP B 126 0.97 -6.95 7.70
CA ASP B 126 0.70 -6.44 6.38
C ASP B 126 -0.52 -7.13 5.83
N GLY B 127 -1.35 -7.68 6.72
CA GLY B 127 -2.49 -8.47 6.31
C GLY B 127 -3.63 -7.67 5.71
N ILE B 128 -3.71 -6.38 6.05
CA ILE B 128 -4.81 -5.52 5.63
C ILE B 128 -4.29 -4.21 5.09
N THR B 129 -3.69 -4.23 3.92
CA THR B 129 -3.15 -3.00 3.35
C THR B 129 -4.11 -2.42 2.32
N TYR B 130 -3.87 -1.16 1.96
CA TYR B 130 -4.69 -0.45 0.99
C TYR B 130 -3.85 0.72 0.43
N PRO B 131 -4.29 1.39 -0.62
CA PRO B 131 -3.52 2.48 -1.20
C PRO B 131 -3.23 3.61 -0.20
N PRO B 132 -1.96 3.96 -0.02
CA PRO B 132 -1.64 4.99 0.96
C PRO B 132 -2.10 6.36 0.47
N ALA B 133 -2.39 7.29 1.50
CA ALA B 133 -2.80 8.66 1.17
C ALA B 133 -2.14 9.54 2.20
N ASN B 134 -1.98 10.81 1.84
CA ASN B 134 -1.43 11.82 2.74
C ASN B 134 -2.54 12.68 3.33
N ALA B 135 -2.40 13.02 4.61
CA ALA B 135 -3.29 13.98 5.28
C ALA B 135 -2.86 15.40 4.91
N ASP B 136 -3.83 16.29 4.72
CA ASP B 136 -3.58 17.68 4.42
C ASP B 136 -3.55 18.58 5.66
N ARG B 137 -4.22 18.12 6.72
CA ARG B 137 -4.32 18.86 7.96
C ARG B 137 -4.27 17.86 9.11
N ILE B 138 -3.53 18.19 10.14
CA ILE B 138 -3.42 17.36 11.34
C ILE B 138 -4.25 18.01 12.42
N VAL B 139 -5.14 17.22 13.03
CA VAL B 139 -6.02 17.75 14.09
C VAL B 139 -5.60 17.19 15.43
N MET B 140 -5.84 17.99 16.46
CA MET B 140 -5.58 17.64 17.85
C MET B 140 -6.87 17.30 18.51
N ASP B 141 -6.78 16.71 19.69
CA ASP B 141 -7.97 16.25 20.39
C ASP B 141 -8.82 17.46 20.75
N GLY B 142 -10.11 17.40 20.40
CA GLY B 142 -11.03 18.47 20.68
C GLY B 142 -11.08 19.60 19.68
N GLU B 143 -10.24 19.52 18.65
CA GLU B 143 -10.14 20.57 17.66
C GLU B 143 -11.39 20.51 16.79
N VAL B 144 -11.83 21.68 16.34
CA VAL B 144 -13.00 21.77 15.49
C VAL B 144 -12.59 22.12 14.07
N ILE B 145 -13.39 21.63 13.13
CA ILE B 145 -13.26 21.98 11.72
C ILE B 145 -14.64 22.41 11.24
N THR B 146 -14.69 23.53 10.52
CA THR B 146 -15.95 24.10 10.06
C THR B 146 -16.06 24.14 8.53
N VAL B 147 -17.17 23.60 8.01
CA VAL B 147 -17.46 23.62 6.57
C VAL B 147 -18.90 24.09 6.39
N GLY B 148 -19.08 25.18 5.66
CA GLY B 148 -20.40 25.73 5.39
C GLY B 148 -21.20 26.01 6.63
N GLY B 149 -20.54 26.50 7.67
CA GLY B 149 -21.21 26.71 8.94
C GLY B 149 -21.37 25.48 9.83
N ILE B 150 -21.22 24.27 9.31
CA ILE B 150 -21.33 23.08 10.14
C ILE B 150 -19.98 22.77 10.82
N VAL B 151 -20.03 22.64 12.15
CA VAL B 151 -18.81 22.49 12.95
C VAL B 151 -18.64 21.02 13.36
N PHE B 152 -17.49 20.45 13.03
CA PHE B 152 -17.16 19.09 13.36
C PHE B 152 -16.11 19.08 14.48
N THR B 153 -16.34 18.31 15.52
CA THR B 153 -15.42 18.23 16.65
C THR B 153 -14.81 16.83 16.72
N ALA B 154 -13.48 16.80 16.87
CA ALA B 154 -12.77 15.54 17.05
C ALA B 154 -12.68 15.13 18.52
N HIS B 155 -12.94 13.85 18.80
CA HIS B 155 -12.83 13.32 20.15
C HIS B 155 -11.99 12.07 20.03
N PHE B 156 -10.72 12.18 20.43
CA PHE B 156 -9.82 11.02 20.33
C PHE B 156 -10.30 9.91 21.23
N MET B 157 -10.26 8.60 20.72
CA MET B 157 -10.71 7.42 21.45
C MET B 157 -9.83 6.26 21.03
N ALA B 158 -8.54 6.44 21.33
CA ALA B 158 -7.50 5.47 21.00
C ALA B 158 -7.84 4.07 21.53
N GLY B 159 -7.50 3.06 20.74
CA GLY B 159 -7.67 1.68 21.15
C GLY B 159 -7.72 0.75 19.98
N HIS B 160 -8.86 0.73 19.28
CA HIS B 160 -8.99 -0.07 18.08
C HIS B 160 -7.80 0.21 17.14
N THR B 161 -7.50 1.49 16.95
CA THR B 161 -6.19 1.93 16.45
C THR B 161 -5.73 3.03 17.35
N PRO B 162 -4.43 3.30 17.38
CA PRO B 162 -3.94 4.47 18.16
C PRO B 162 -4.66 5.77 17.81
N GLY B 163 -5.03 5.93 16.55
CA GLY B 163 -5.62 7.17 16.08
C GLY B 163 -7.12 7.20 16.00
N SER B 164 -7.77 6.15 16.50
CA SER B 164 -9.25 6.09 16.51
C SER B 164 -9.88 7.38 17.02
N THR B 165 -10.90 7.86 16.32
CA THR B 165 -11.50 9.15 16.56
C THR B 165 -13.03 9.05 16.43
N ALA B 166 -13.74 9.71 17.35
CA ALA B 166 -15.15 10.03 17.16
C ALA B 166 -15.28 11.43 16.61
N TRP B 167 -16.22 11.65 15.69
CA TRP B 167 -16.53 12.95 15.18
C TRP B 167 -17.97 13.29 15.59
N THR B 168 -18.17 14.51 16.07
CA THR B 168 -19.50 14.99 16.40
C THR B 168 -19.85 16.30 15.71
N TRP B 169 -21.13 16.45 15.41
CA TRP B 169 -21.64 17.66 14.82
C TRP B 169 -23.14 17.73 15.08
N THR B 170 -23.68 18.93 14.95
CA THR B 170 -25.10 19.13 15.13
C THR B 170 -25.77 19.46 13.80
N ASP B 171 -26.72 18.63 13.39
CA ASP B 171 -27.58 18.85 12.24
C ASP B 171 -28.97 19.18 12.78
N THR B 172 -29.97 19.13 11.89
CA THR B 172 -31.37 19.31 12.26
C THR B 172 -32.24 18.24 11.63
N ARG B 173 -33.42 18.04 12.22
CA ARG B 173 -34.41 17.06 11.74
C ARG B 173 -35.75 17.43 12.39
N ASN B 174 -36.84 17.31 11.62
CA ASN B 174 -38.19 17.72 12.08
C ASN B 174 -38.17 19.03 12.84
N GLY B 175 -37.40 20.01 12.36
CA GLY B 175 -37.27 21.32 12.97
C GLY B 175 -36.37 21.49 14.21
N LYS B 176 -35.72 20.42 14.67
CA LYS B 176 -34.96 20.48 15.90
C LYS B 176 -33.49 20.08 15.74
N PRO B 177 -32.60 20.57 16.60
CA PRO B 177 -31.20 20.17 16.52
C PRO B 177 -31.07 18.67 16.79
N VAL B 178 -30.14 18.03 16.09
CA VAL B 178 -29.82 16.63 16.29
C VAL B 178 -28.32 16.55 16.45
N ARG B 179 -27.86 16.27 17.66
CA ARG B 179 -26.43 16.06 17.93
C ARG B 179 -25.99 14.66 17.50
N ILE B 180 -25.27 14.59 16.38
CA ILE B 180 -24.84 13.31 15.81
C ILE B 180 -23.45 12.98 16.33
N ALA B 181 -23.29 11.73 16.75
CA ALA B 181 -21.99 11.23 17.20
C ALA B 181 -21.59 10.02 16.34
N TYR B 182 -20.55 10.20 15.51
CA TYR B 182 -20.01 9.11 14.73
C TYR B 182 -18.82 8.56 15.51
N ALA B 183 -19.09 7.55 16.34
CA ALA B 183 -18.08 7.02 17.25
C ALA B 183 -17.41 5.83 16.60
N ASP B 184 -16.08 5.75 16.77
CA ASP B 184 -15.32 4.69 16.14
C ASP B 184 -15.57 3.34 16.80
N SER B 185 -15.05 2.32 16.17
CA SER B 185 -14.98 0.98 16.71
C SER B 185 -14.30 0.97 18.10
N LEU B 186 -14.84 0.13 18.97
CA LEU B 186 -14.32 -0.12 20.31
C LEU B 186 -13.97 -1.60 20.45
N SER B 187 -13.88 -2.39 19.34
CA SER B 187 -13.51 -3.79 19.29
C SER B 187 -11.97 -3.96 19.33
N ALA B 188 -11.56 -5.17 19.65
CA ALA B 188 -10.15 -5.56 19.65
C ALA B 188 -10.01 -6.96 19.03
N PRO B 189 -10.35 -7.09 17.75
CA PRO B 189 -10.49 -8.40 17.08
C PRO B 189 -9.15 -9.16 16.95
N GLY B 190 -9.00 -10.20 17.78
CA GLY B 190 -7.80 -11.02 17.83
C GLY B 190 -6.59 -10.34 18.43
N TYR B 191 -6.78 -9.18 19.05
CA TYR B 191 -5.70 -8.41 19.61
C TYR B 191 -5.12 -9.07 20.86
N GLN B 192 -3.81 -8.98 21.02
CA GLN B 192 -3.21 -9.28 22.32
C GLN B 192 -3.39 -8.01 23.14
N LEU B 193 -4.14 -8.08 24.23
CA LEU B 193 -4.45 -6.91 25.04
C LEU B 193 -3.38 -6.59 26.10
N GLN B 194 -2.92 -7.62 26.81
CA GLN B 194 -2.04 -7.44 27.95
C GLN B 194 -0.60 -7.63 27.51
N GLY B 195 0.29 -6.74 27.96
CA GLY B 195 1.72 -6.87 27.70
C GLY B 195 2.07 -6.86 26.22
N ASN B 196 1.32 -6.12 25.39
CA ASN B 196 1.59 -6.06 23.95
C ASN B 196 2.77 -5.11 23.74
N PRO B 197 3.90 -5.60 23.27
CA PRO B 197 5.10 -4.76 23.14
C PRO B 197 4.90 -3.60 22.12
N ARG B 198 4.03 -3.79 21.14
CA ARG B 198 3.69 -2.71 20.20
C ARG B 198 2.66 -1.70 20.71
N TYR B 199 1.96 -2.03 21.79
CA TYR B 199 0.98 -1.15 22.39
C TYR B 199 0.91 -1.37 23.89
N PRO B 200 1.95 -0.95 24.63
CA PRO B 200 2.01 -1.26 26.07
C PRO B 200 0.84 -0.77 26.90
N HIS B 201 0.25 0.37 26.57
CA HIS B 201 -0.80 0.95 27.38
C HIS B 201 -2.18 0.78 26.71
N LEU B 202 -2.32 -0.27 25.91
CA LEU B 202 -3.53 -0.55 25.16
C LEU B 202 -4.75 -0.56 26.10
N ILE B 203 -4.65 -1.27 27.21
CA ILE B 203 -5.79 -1.45 28.10
C ILE B 203 -6.25 -0.11 28.67
N GLU B 204 -5.30 0.70 29.15
CA GLU B 204 -5.62 2.01 29.69
C GLU B 204 -6.30 2.92 28.65
N ASP B 205 -5.84 2.86 27.40
CA ASP B 205 -6.41 3.69 26.34
C ASP B 205 -7.84 3.26 26.04
N TYR B 206 -8.10 1.95 25.98
CA TYR B 206 -9.48 1.47 25.76
C TYR B 206 -10.40 1.94 26.88
N ARG B 207 -9.95 1.84 28.12
CA ARG B 207 -10.79 2.25 29.25
C ARG B 207 -11.12 3.73 29.21
N ARG B 208 -10.15 4.53 28.82
CA ARG B 208 -10.36 5.96 28.69
C ARG B 208 -11.32 6.25 27.54
N SER B 209 -11.17 5.49 26.46
CA SER B 209 -12.05 5.62 25.29
C SER B 209 -13.51 5.22 25.61
N PHE B 210 -13.73 4.19 26.43
CA PHE B 210 -15.12 3.87 26.83
C PHE B 210 -15.75 5.09 27.51
N ALA B 211 -14.98 5.76 28.36
CA ALA B 211 -15.45 6.95 29.09
C ALA B 211 -15.74 8.13 28.17
N THR B 212 -14.91 8.29 27.15
CA THR B 212 -15.08 9.34 26.17
C THR B 212 -16.35 9.11 25.37
N VAL B 213 -16.55 7.89 24.94
CA VAL B 213 -17.71 7.57 24.12
C VAL B 213 -18.98 7.76 24.95
N ARG B 214 -18.94 7.32 26.20
CA ARG B 214 -20.07 7.46 27.11
C ARG B 214 -20.55 8.89 27.25
N ALA B 215 -19.63 9.85 27.26
CA ALA B 215 -19.95 11.24 27.52
C ALA B 215 -20.17 12.10 26.25
N LEU B 216 -20.14 11.52 25.05
CA LEU B 216 -20.25 12.35 23.83
C LEU B 216 -21.61 13.05 23.76
N PRO B 217 -21.71 14.20 23.10
CA PRO B 217 -23.03 14.79 22.81
C PRO B 217 -23.63 13.85 21.78
N CYS B 218 -24.80 13.26 22.05
CA CYS B 218 -25.21 12.07 21.33
C CYS B 218 -26.73 11.83 21.25
N ASP B 219 -27.46 12.67 20.49
CA ASP B 219 -28.85 12.35 20.19
C ASP B 219 -28.96 11.16 19.27
N VAL B 220 -28.01 10.98 18.36
CA VAL B 220 -28.01 9.84 17.46
C VAL B 220 -26.57 9.35 17.33
N LEU B 221 -26.37 8.07 17.56
CA LEU B 221 -25.06 7.43 17.42
C LEU B 221 -25.04 6.68 16.10
N LEU B 222 -23.94 6.83 15.34
CA LEU B 222 -23.61 6.00 14.18
C LEU B 222 -22.19 5.43 14.39
N THR B 223 -21.93 4.26 13.81
CA THR B 223 -20.61 3.62 13.89
C THR B 223 -20.15 3.09 12.55
N PRO B 224 -18.83 2.97 12.37
CA PRO B 224 -18.27 2.51 11.08
C PRO B 224 -18.87 1.19 10.59
N HIS B 225 -19.04 0.25 11.52
CA HIS B 225 -19.79 -1.00 11.29
C HIS B 225 -21.13 -0.77 11.92
N PRO B 226 -22.17 -0.56 11.11
CA PRO B 226 -23.47 -0.13 11.63
C PRO B 226 -24.07 -1.10 12.69
N GLY B 227 -23.80 -2.38 12.57
CA GLY B 227 -24.25 -3.37 13.54
C GLY B 227 -23.81 -3.08 14.96
N ALA B 228 -22.64 -2.47 15.10
CA ALA B 228 -22.11 -2.15 16.40
C ALA B 228 -23.00 -1.19 17.19
N SER B 229 -23.74 -0.34 16.51
CA SER B 229 -24.68 0.59 17.16
C SER B 229 -26.13 0.20 16.89
N ASN B 230 -26.34 -0.99 16.36
CA ASN B 230 -27.67 -1.55 16.11
C ASN B 230 -28.42 -0.87 14.98
N TRP B 231 -27.67 -0.29 14.05
CA TRP B 231 -28.25 0.23 12.82
C TRP B 231 -28.46 -0.90 11.85
N ASP B 232 -29.48 -0.77 11.02
CA ASP B 232 -29.74 -1.71 9.93
C ASP B 232 -30.04 -0.90 8.69
N TYR B 233 -29.00 -0.58 7.92
CA TYR B 233 -29.13 0.31 6.79
C TYR B 233 -30.08 -0.21 5.71
N ALA B 234 -30.31 -1.52 5.68
CA ALA B 234 -31.22 -2.12 4.70
C ALA B 234 -32.68 -2.02 5.12
N ALA B 235 -32.96 -1.53 6.34
CA ALA B 235 -34.31 -1.53 6.90
C ALA B 235 -35.09 -0.24 6.63
N GLY B 236 -34.58 0.59 5.70
CA GLY B 236 -35.29 1.75 5.22
C GLY B 236 -35.70 2.74 6.29
N ALA B 237 -37.01 2.97 6.39
CA ALA B 237 -37.56 3.96 7.32
C ALA B 237 -37.31 3.66 8.81
N ARG B 238 -37.00 2.41 9.12
CA ARG B 238 -36.69 1.99 10.48
C ARG B 238 -35.25 1.51 10.64
N ALA B 239 -34.29 2.13 9.61
CA ALA B 239 -32.87 1.81 9.70
C ALA B 239 -32.24 2.11 11.06
N GLY B 240 -32.60 3.24 11.65
CA GLY B 240 -32.04 3.74 12.89
C GLY B 240 -32.89 3.53 14.14
N ALA B 241 -34.02 2.84 14.01
CA ALA B 241 -34.95 2.76 15.11
C ALA B 241 -34.32 2.13 16.35
N LYS B 242 -33.55 1.06 16.16
CA LYS B 242 -33.01 0.25 17.26
C LYS B 242 -31.64 0.73 17.70
N ALA B 243 -31.20 1.87 17.17
CA ALA B 243 -29.85 2.33 17.44
C ALA B 243 -29.64 2.52 18.95
N LEU B 244 -28.46 2.11 19.39
CA LEU B 244 -28.00 2.33 20.75
C LEU B 244 -27.70 3.80 21.03
N THR B 245 -27.78 4.17 22.31
CA THR B 245 -27.20 5.42 22.77
C THR B 245 -25.68 5.25 22.84
N CYS B 246 -24.94 6.35 22.88
CA CYS B 246 -23.49 6.29 23.10
C CYS B 246 -23.15 5.61 24.44
N LYS B 247 -23.92 5.91 25.47
CA LYS B 247 -23.76 5.25 26.77
C LYS B 247 -23.90 3.74 26.68
N ALA B 248 -24.89 3.26 25.96
CA ALA B 248 -25.13 1.82 25.82
C ALA B 248 -24.03 1.16 24.96
N TYR B 249 -23.60 1.85 23.91
CA TYR B 249 -22.54 1.37 23.05
C TYR B 249 -21.23 1.21 23.84
N ALA B 250 -20.88 2.21 24.62
CA ALA B 250 -19.69 2.19 25.47
C ALA B 250 -19.74 1.07 26.52
N ASP B 251 -20.91 0.88 27.13
CA ASP B 251 -21.10 -0.13 28.16
C ASP B 251 -20.99 -1.55 27.57
N ALA B 252 -21.60 -1.78 26.41
CA ALA B 252 -21.50 -3.08 25.73
C ALA B 252 -20.05 -3.36 25.33
N ALA B 253 -19.39 -2.32 24.82
CA ALA B 253 -18.00 -2.44 24.39
C ALA B 253 -17.11 -2.79 25.59
N GLU B 254 -17.35 -2.14 26.73
CA GLU B 254 -16.58 -2.43 27.95
C GLU B 254 -16.80 -3.86 28.45
N GLN B 255 -18.06 -4.28 28.48
CA GLN B 255 -18.38 -5.65 28.90
C GLN B 255 -17.69 -6.67 28.01
N LYS B 256 -17.77 -6.49 26.71
CA LYS B 256 -17.09 -7.39 25.77
C LYS B 256 -15.57 -7.40 26.00
N PHE B 257 -15.03 -6.21 26.22
CA PHE B 257 -13.60 -6.03 26.40
C PHE B 257 -13.13 -6.73 27.67
N ASP B 258 -13.85 -6.53 28.77
CA ASP B 258 -13.59 -7.26 30.00
C ASP B 258 -13.66 -8.76 29.86
N GLY B 259 -14.64 -9.26 29.13
CA GLY B 259 -14.72 -10.68 28.86
C GLY B 259 -13.54 -11.19 28.06
N GLN B 260 -13.12 -10.40 27.07
CA GLN B 260 -11.96 -10.78 26.24
C GLN B 260 -10.69 -10.80 27.08
N LEU B 261 -10.55 -9.86 28.00
CA LEU B 261 -9.40 -9.77 28.88
C LEU B 261 -9.30 -11.01 29.80
N ALA B 262 -10.44 -11.42 30.35
CA ALA B 262 -10.50 -12.60 31.20
C ALA B 262 -10.16 -13.85 30.39
N LYS B 263 -10.63 -13.90 29.15
CA LYS B 263 -10.36 -15.06 28.28
C LYS B 263 -8.89 -15.09 27.89
N GLU B 264 -8.28 -13.92 27.72
CA GLU B 264 -6.88 -13.84 27.37
C GLU B 264 -6.04 -14.36 28.55
N THR B 265 -6.37 -13.90 29.75
CA THR B 265 -5.76 -14.40 30.98
C THR B 265 -5.89 -15.91 31.09
N ALA B 266 -7.07 -16.45 30.75
CA ALA B 266 -7.26 -17.90 30.78
C ALA B 266 -6.61 -18.64 29.58
N GLY B 267 -5.74 -17.95 28.85
CA GLY B 267 -4.93 -18.57 27.82
C GLY B 267 -5.69 -18.69 26.53
#